data_6YF6
#
_entry.id   6YF6
#
_cell.length_a   38.512
_cell.length_b   63.671
_cell.length_c   134.009
_cell.angle_alpha   90.000
_cell.angle_beta   90.000
_cell.angle_gamma   90.000
#
_symmetry.space_group_name_H-M   'P 21 21 21'
#
loop_
_entity.id
_entity.type
_entity.pdbx_description
1 polymer 'Galactose-binding lectin'
2 non-polymer 'methyl 1-seleno-alpha-L-fucopyranoside'
3 non-polymer 'CALCIUM ION'
4 non-polymer 'PHOSPHATE ION'
5 water water
#
_entity_poly.entity_id   1
_entity_poly.type   'polypeptide(L)'
_entity_poly.pdbx_seq_one_letter_code
;MAAPFEDLTNFERDNWNNWQAGPAGHDLYLVDASTRAVEFITRPNKNHAGEILKKTLTGLTAGYEYTWTVKIARIIGKYE
APKVSLRADGKDISAPLELKQANEWVTLSGKFKATGSQAELAVVSHVSASMGNDFRIKELKIKG
;
_entity_poly.pdbx_strand_id   A,B
#
loop_
_chem_comp.id
_chem_comp.type
_chem_comp.name
_chem_comp.formula
CA non-polymer 'CALCIUM ION' 'Ca 2'
PO4 non-polymer 'PHOSPHATE ION' 'O4 P -3'
SFU L-saccharide 'methyl 1-seleno-alpha-L-fucopyranoside' 'C7 H14 O4 Se'
#
# COMPACT_ATOMS: atom_id res chain seq x y z
N PHE A 5 13.78 2.05 -11.00
CA PHE A 5 14.07 1.01 -10.02
C PHE A 5 13.03 1.00 -8.90
N GLU A 6 12.58 -0.19 -8.53
CA GLU A 6 11.70 -0.34 -7.37
C GLU A 6 11.82 -1.77 -6.86
N ASP A 7 12.00 -1.90 -5.54
CA ASP A 7 12.01 -3.19 -4.85
C ASP A 7 10.91 -3.15 -3.81
N LEU A 8 9.82 -3.87 -4.08
CA LEU A 8 8.60 -3.79 -3.29
C LEU A 8 8.38 -5.12 -2.55
N THR A 9 8.23 -5.04 -1.23
CA THR A 9 7.96 -6.21 -0.38
C THR A 9 6.68 -5.93 0.40
N ASN A 10 5.57 -6.55 -0.02
CA ASN A 10 4.33 -6.50 0.74
C ASN A 10 4.00 -7.83 1.40
N PHE A 11 4.81 -8.86 1.18
CA PHE A 11 4.71 -10.17 1.82
C PHE A 11 3.54 -11.00 1.29
N GLU A 12 2.97 -10.63 0.15
CA GLU A 12 2.01 -11.48 -0.52
C GLU A 12 2.62 -12.85 -0.80
N ARG A 13 1.83 -13.89 -0.63
CA ARG A 13 2.28 -15.27 -0.85
C ARG A 13 3.40 -15.66 0.10
N ASP A 14 3.55 -14.93 1.21
CA ASP A 14 4.60 -15.18 2.19
C ASP A 14 5.99 -15.02 1.59
N ASN A 15 6.12 -14.19 0.55
CA ASN A 15 7.41 -13.88 -0.03
C ASN A 15 8.08 -12.79 0.81
N TRP A 16 9.12 -13.17 1.57
CA TRP A 16 9.88 -12.19 2.33
C TRP A 16 10.80 -11.36 1.44
N ASN A 17 10.92 -11.70 0.15
CA ASN A 17 11.76 -10.98 -0.81
C ASN A 17 13.15 -10.69 -0.22
N ASN A 18 13.74 -11.73 0.36
CA ASN A 18 15.11 -11.75 0.87
C ASN A 18 15.30 -10.89 2.11
N TRP A 19 14.23 -10.34 2.69
CA TRP A 19 14.35 -9.75 4.01
C TRP A 19 14.45 -10.85 5.05
N GLN A 20 15.34 -10.64 6.03
CA GLN A 20 15.61 -11.63 7.07
C GLN A 20 15.57 -10.96 8.43
N ALA A 21 15.23 -11.75 9.45
CA ALA A 21 15.34 -11.25 10.82
C ALA A 21 16.78 -10.84 11.09
N GLY A 22 16.93 -9.73 11.82
CA GLY A 22 18.22 -9.31 12.30
C GLY A 22 18.50 -9.86 13.69
N PRO A 23 19.70 -9.62 14.21
CA PRO A 23 20.05 -10.14 15.54
C PRO A 23 19.06 -9.78 16.63
N ALA A 24 18.39 -8.63 16.51
CA ALA A 24 17.40 -8.18 17.49
C ALA A 24 15.97 -8.53 17.09
N GLY A 25 15.79 -9.18 15.94
CA GLY A 25 14.46 -9.60 15.53
C GLY A 25 14.19 -11.04 15.95
N HIS A 26 13.46 -11.20 17.05
CA HIS A 26 13.26 -12.51 17.66
C HIS A 26 11.87 -13.04 17.33
N ASP A 27 11.83 -14.31 16.90
CA ASP A 27 10.58 -15.04 16.75
C ASP A 27 9.63 -14.34 15.79
N LEU A 28 10.15 -13.93 14.63
CA LEU A 28 9.36 -13.23 13.64
C LEU A 28 8.46 -14.19 12.86
N TYR A 29 7.29 -13.70 12.46
CA TYR A 29 6.36 -14.47 11.66
C TYR A 29 5.44 -13.51 10.93
N LEU A 30 4.75 -14.03 9.92
CA LEU A 30 3.79 -13.26 9.14
C LEU A 30 2.38 -13.46 9.68
N VAL A 31 1.59 -12.38 9.62
CA VAL A 31 0.19 -12.40 9.99
C VAL A 31 -0.60 -11.65 8.93
N ASP A 32 -1.92 -11.84 8.96
CA ASP A 32 -2.85 -11.08 8.14
C ASP A 32 -3.27 -9.85 8.94
N ALA A 33 -2.69 -8.70 8.61
CA ALA A 33 -3.30 -7.44 9.01
C ALA A 33 -4.52 -7.20 8.12
N SER A 34 -5.20 -6.08 8.33
CA SER A 34 -6.41 -5.79 7.57
C SER A 34 -6.33 -4.38 7.00
N THR A 35 -6.89 -4.22 5.80
CA THR A 35 -6.96 -2.93 5.12
C THR A 35 -8.31 -2.84 4.43
N ARG A 36 -8.94 -1.67 4.54
CA ARG A 36 -10.32 -1.49 4.10
C ARG A 36 -10.38 -1.28 2.60
N ALA A 37 -11.40 -1.88 1.97
CA ALA A 37 -11.51 -1.91 0.52
C ALA A 37 -12.96 -1.98 0.10
N VAL A 38 -13.27 -1.37 -1.04
CA VAL A 38 -14.57 -1.54 -1.68
C VAL A 38 -14.57 -2.88 -2.40
N GLU A 39 -15.61 -3.66 -2.18
CA GLU A 39 -15.75 -4.97 -2.81
C GLU A 39 -16.74 -4.88 -3.97
N PHE A 40 -16.34 -5.38 -5.12
CA PHE A 40 -17.18 -5.46 -6.31
C PHE A 40 -17.50 -6.93 -6.55
N ILE A 41 -18.67 -7.37 -6.06
CA ILE A 41 -19.10 -8.76 -6.21
C ILE A 41 -19.94 -8.98 -7.47
N THR A 42 -20.38 -7.91 -8.14
CA THR A 42 -21.12 -7.95 -9.40
C THR A 42 -22.20 -9.04 -9.42
N ARG A 43 -23.36 -8.71 -8.86
CA ARG A 43 -24.42 -9.68 -8.69
C ARG A 43 -25.04 -10.07 -10.02
N PRO A 44 -25.78 -11.19 -10.06
CA PRO A 44 -26.35 -11.65 -11.33
C PRO A 44 -27.31 -10.64 -11.95
N ASN A 45 -27.30 -10.60 -13.28
CA ASN A 45 -28.32 -9.91 -14.07
C ASN A 45 -28.33 -8.41 -13.85
N LYS A 46 -27.16 -7.84 -13.63
CA LYS A 46 -26.96 -6.40 -13.73
C LYS A 46 -25.79 -6.16 -14.67
N ASN A 47 -25.76 -4.98 -15.29
CA ASN A 47 -24.69 -4.63 -16.22
C ASN A 47 -23.59 -3.92 -15.44
N HIS A 48 -22.44 -4.56 -15.32
CA HIS A 48 -21.32 -4.04 -14.54
C HIS A 48 -20.24 -3.38 -15.39
N ALA A 49 -20.57 -3.05 -16.65
CA ALA A 49 -19.67 -2.28 -17.50
C ALA A 49 -20.10 -0.82 -17.49
N GLY A 50 -19.12 0.07 -17.36
CA GLY A 50 -19.33 1.49 -17.29
C GLY A 50 -18.55 2.08 -16.14
N GLU A 51 -18.98 3.26 -15.70
CA GLU A 51 -18.31 3.95 -14.60
C GLU A 51 -18.79 3.38 -13.28
N ILE A 52 -17.87 2.78 -12.51
CA ILE A 52 -18.22 2.07 -11.29
C ILE A 52 -17.92 2.88 -10.03
N LEU A 53 -17.01 3.85 -10.10
CA LEU A 53 -16.73 4.75 -8.98
C LEU A 53 -16.49 6.14 -9.56
N LYS A 54 -17.05 7.16 -8.92
CA LYS A 54 -16.98 8.52 -9.44
C LYS A 54 -16.63 9.50 -8.32
N LYS A 55 -15.87 10.53 -8.69
CA LYS A 55 -15.56 11.61 -7.77
C LYS A 55 -15.22 12.86 -8.56
N THR A 56 -15.77 14.00 -8.12
CA THR A 56 -15.33 15.30 -8.61
C THR A 56 -14.24 15.80 -7.67
N LEU A 57 -12.99 15.65 -8.10
CA LEU A 57 -11.84 16.04 -7.29
C LEU A 57 -11.63 17.54 -7.38
N THR A 58 -11.60 18.21 -6.23
CA THR A 58 -11.43 19.65 -6.17
C THR A 58 -10.02 20.00 -5.70
N GLY A 59 -9.72 21.30 -5.70
CA GLY A 59 -8.43 21.77 -5.23
C GLY A 59 -7.31 21.71 -6.24
N LEU A 60 -7.63 21.59 -7.54
CA LEU A 60 -6.62 21.48 -8.56
C LEU A 60 -6.29 22.84 -9.16
N THR A 61 -5.32 22.85 -10.08
CA THR A 61 -4.90 24.07 -10.77
C THR A 61 -4.70 23.75 -12.24
N ALA A 62 -5.29 24.56 -13.12
CA ALA A 62 -5.22 24.32 -14.55
C ALA A 62 -3.77 24.19 -15.01
N GLY A 63 -3.55 23.29 -15.97
CA GLY A 63 -2.26 23.14 -16.59
C GLY A 63 -1.31 22.20 -15.88
N TYR A 64 -1.61 21.77 -14.66
CA TYR A 64 -0.77 20.82 -13.95
C TYR A 64 -1.20 19.41 -14.29
N GLU A 65 -0.22 18.51 -14.36
CA GLU A 65 -0.47 17.10 -14.63
C GLU A 65 -0.53 16.35 -13.31
N TYR A 66 -1.62 15.63 -13.07
CA TYR A 66 -1.83 14.89 -11.84
C TYR A 66 -1.75 13.39 -12.12
N THR A 67 -1.26 12.65 -11.14
CA THR A 67 -1.04 11.22 -11.26
C THR A 67 -2.03 10.49 -10.36
N TRP A 68 -2.89 9.68 -10.97
CA TRP A 68 -3.95 8.97 -10.26
C TRP A 68 -3.57 7.50 -10.19
N THR A 69 -3.42 6.98 -8.97
CA THR A 69 -3.14 5.58 -8.73
C THR A 69 -4.28 4.93 -7.96
N VAL A 70 -4.57 3.68 -8.30
CA VAL A 70 -5.66 2.90 -7.70
C VAL A 70 -5.08 1.53 -7.36
N LYS A 71 -5.15 1.15 -6.09
CA LYS A 71 -4.69 -0.16 -5.65
C LYS A 71 -5.86 -1.12 -5.74
N ILE A 72 -5.70 -2.17 -6.55
CA ILE A 72 -6.82 -2.99 -6.98
C ILE A 72 -6.36 -4.44 -7.09
N ALA A 73 -7.30 -5.36 -6.84
CA ALA A 73 -7.00 -6.78 -6.91
C ALA A 73 -8.23 -7.57 -7.32
N ARG A 74 -8.02 -8.59 -8.14
CA ARG A 74 -9.06 -9.57 -8.37
C ARG A 74 -9.25 -10.41 -7.11
N ILE A 75 -10.47 -10.89 -6.91
CA ILE A 75 -10.76 -11.85 -5.86
C ILE A 75 -11.45 -13.06 -6.48
N ILE A 76 -11.41 -14.18 -5.75
CA ILE A 76 -12.06 -15.42 -6.14
C ILE A 76 -11.34 -16.03 -7.32
N GLY A 77 -11.23 -15.28 -8.42
CA GLY A 77 -10.46 -15.74 -9.56
C GLY A 77 -11.18 -16.67 -10.50
N LYS A 78 -12.51 -16.72 -10.45
CA LYS A 78 -13.26 -17.67 -11.25
C LYS A 78 -14.07 -16.94 -12.31
N TYR A 79 -14.27 -17.62 -13.42
CA TYR A 79 -15.09 -17.12 -14.55
C TYR A 79 -14.38 -15.87 -15.10
N GLU A 80 -15.12 -14.81 -15.41
CA GLU A 80 -14.56 -13.72 -16.19
C GLU A 80 -13.62 -12.85 -15.36
N ALA A 81 -12.50 -12.47 -15.96
CA ALA A 81 -11.55 -11.59 -15.31
C ALA A 81 -12.02 -10.14 -15.45
N PRO A 82 -11.95 -9.34 -14.38
CA PRO A 82 -12.29 -7.92 -14.52
C PRO A 82 -11.33 -7.21 -15.46
N LYS A 83 -11.80 -6.10 -16.04
CA LYS A 83 -10.98 -5.21 -16.86
C LYS A 83 -11.33 -3.78 -16.50
N VAL A 84 -10.37 -3.03 -15.96
CA VAL A 84 -10.64 -1.74 -15.35
C VAL A 84 -9.67 -0.69 -15.88
N SER A 85 -10.20 0.48 -16.19
CA SER A 85 -9.40 1.62 -16.65
C SER A 85 -9.76 2.85 -15.84
N LEU A 86 -9.06 3.95 -16.12
CA LEU A 86 -9.30 5.23 -15.46
C LEU A 86 -9.72 6.28 -16.47
N ARG A 87 -10.60 7.18 -16.05
CA ARG A 87 -11.13 8.23 -16.91
C ARG A 87 -11.12 9.55 -16.15
N ALA A 88 -10.78 10.64 -16.84
CA ALA A 88 -10.73 11.95 -16.23
C ALA A 88 -11.27 12.98 -17.21
N ASP A 89 -12.32 13.69 -16.80
CA ASP A 89 -12.97 14.70 -17.63
C ASP A 89 -13.34 14.09 -18.99
N GLY A 90 -13.86 12.88 -18.94
CA GLY A 90 -14.32 12.18 -20.13
C GLY A 90 -13.25 11.54 -20.97
N LYS A 91 -11.97 11.73 -20.61
CA LYS A 91 -10.86 11.21 -21.40
C LYS A 91 -10.31 9.95 -20.73
N ASP A 92 -10.21 8.87 -21.49
CA ASP A 92 -9.56 7.67 -20.99
C ASP A 92 -8.08 7.95 -20.78
N ILE A 93 -7.61 7.84 -19.53
CA ILE A 93 -6.24 8.14 -19.18
C ILE A 93 -5.45 6.88 -18.82
N SER A 94 -6.00 5.70 -19.07
CA SER A 94 -5.29 4.46 -18.87
C SER A 94 -5.84 3.41 -19.82
N ALA A 95 -4.99 2.44 -20.16
CA ALA A 95 -5.46 1.26 -20.85
C ALA A 95 -6.33 0.41 -19.92
N PRO A 96 -7.22 -0.40 -20.46
CA PRO A 96 -7.96 -1.36 -19.60
C PRO A 96 -7.01 -2.43 -19.07
N LEU A 97 -6.92 -2.51 -17.75
CA LEU A 97 -6.04 -3.45 -17.08
C LEU A 97 -6.85 -4.69 -16.68
N GLU A 98 -6.45 -5.85 -17.19
CA GLU A 98 -7.10 -7.10 -16.84
C GLU A 98 -6.56 -7.62 -15.51
N LEU A 99 -7.45 -7.86 -14.56
CA LEU A 99 -7.08 -8.40 -13.26
C LEU A 99 -7.14 -9.91 -13.31
N LYS A 100 -6.05 -10.60 -12.97
CA LYS A 100 -5.98 -12.04 -13.19
C LYS A 100 -5.78 -12.84 -11.90
N GLN A 101 -4.68 -12.65 -11.18
CA GLN A 101 -4.45 -13.50 -9.99
C GLN A 101 -5.24 -12.98 -8.80
N ALA A 102 -6.01 -13.86 -8.16
CA ALA A 102 -6.80 -13.45 -7.01
C ALA A 102 -5.89 -12.96 -5.89
N ASN A 103 -6.24 -11.82 -5.30
CA ASN A 103 -5.56 -11.26 -4.13
C ASN A 103 -4.12 -10.87 -4.42
N GLU A 104 -3.77 -10.64 -5.68
CA GLU A 104 -2.53 -9.97 -6.04
C GLU A 104 -2.85 -8.50 -6.24
N TRP A 105 -2.35 -7.66 -5.36
CA TRP A 105 -2.65 -6.24 -5.40
C TRP A 105 -1.70 -5.55 -6.36
N VAL A 106 -2.26 -4.86 -7.35
CA VAL A 106 -1.49 -4.15 -8.37
C VAL A 106 -1.96 -2.71 -8.39
N THR A 107 -1.21 -1.88 -9.11
CA THR A 107 -1.51 -0.46 -9.23
C THR A 107 -1.99 -0.16 -10.63
N LEU A 108 -3.16 0.45 -10.72
CA LEU A 108 -3.70 0.99 -11.96
C LEU A 108 -3.43 2.49 -11.95
N SER A 109 -2.74 2.98 -12.98
CA SER A 109 -2.22 4.35 -12.99
C SER A 109 -2.62 5.07 -14.27
N GLY A 110 -2.82 6.37 -14.13
CA GLY A 110 -2.97 7.26 -15.27
C GLY A 110 -2.69 8.68 -14.83
N LYS A 111 -2.35 9.51 -15.81
CA LYS A 111 -2.10 10.92 -15.58
C LYS A 111 -3.10 11.74 -16.37
N PHE A 112 -3.52 12.88 -15.80
CA PHE A 112 -4.41 13.80 -16.48
C PHE A 112 -3.96 15.22 -16.19
N LYS A 113 -4.37 16.13 -17.06
CA LYS A 113 -4.03 17.55 -16.92
C LYS A 113 -5.29 18.31 -16.58
N ALA A 114 -5.26 19.02 -15.46
CA ALA A 114 -6.42 19.79 -15.04
C ALA A 114 -6.64 20.96 -15.99
N THR A 115 -7.91 21.26 -16.26
CA THR A 115 -8.29 22.47 -16.98
C THR A 115 -8.85 23.53 -16.05
N GLY A 116 -8.86 23.27 -14.74
CA GLY A 116 -9.38 24.22 -13.77
C GLY A 116 -9.21 23.76 -12.34
N SER A 117 -10.19 24.11 -11.50
CA SER A 117 -10.12 23.82 -10.08
C SER A 117 -10.55 22.40 -9.73
N GLN A 118 -11.18 21.69 -10.65
CA GLN A 118 -11.65 20.34 -10.36
C GLN A 118 -11.62 19.50 -11.62
N ALA A 119 -11.70 18.18 -11.41
CA ALA A 119 -11.75 17.21 -12.49
C ALA A 119 -12.76 16.13 -12.13
N GLU A 120 -13.49 15.65 -13.13
CA GLU A 120 -14.46 14.56 -12.95
C GLU A 120 -13.75 13.25 -13.22
N LEU A 121 -13.54 12.46 -12.17
CA LEU A 121 -12.83 11.20 -12.27
C LEU A 121 -13.80 10.03 -12.21
N ALA A 122 -13.49 8.98 -12.97
CA ALA A 122 -14.31 7.77 -12.95
C ALA A 122 -13.42 6.57 -13.16
N VAL A 123 -13.64 5.54 -12.35
CA VAL A 123 -13.08 4.21 -12.59
C VAL A 123 -14.07 3.47 -13.48
N VAL A 124 -13.55 2.80 -14.51
CA VAL A 124 -14.37 2.25 -15.59
C VAL A 124 -14.15 0.76 -15.67
N SER A 125 -15.24 -0.01 -15.65
CA SER A 125 -15.23 -1.44 -15.90
C SER A 125 -15.61 -1.72 -17.34
N HIS A 126 -14.88 -2.63 -17.98
CA HIS A 126 -15.14 -3.03 -19.36
C HIS A 126 -15.77 -4.41 -19.46
N VAL A 127 -16.15 -5.00 -18.32
CA VAL A 127 -16.79 -6.31 -18.28
C VAL A 127 -18.16 -6.14 -17.65
N SER A 128 -19.21 -6.41 -18.42
CA SER A 128 -20.57 -6.33 -17.91
C SER A 128 -20.99 -7.58 -17.16
N ALA A 129 -20.23 -8.67 -17.28
CA ALA A 129 -20.67 -9.95 -16.78
C ALA A 129 -20.80 -9.95 -15.26
N SER A 130 -21.67 -10.82 -14.76
CA SER A 130 -21.78 -11.10 -13.33
C SER A 130 -21.08 -12.38 -12.93
N MET A 131 -20.98 -13.34 -13.84
CA MET A 131 -20.23 -14.57 -13.61
C MET A 131 -18.76 -14.23 -13.45
N GLY A 132 -18.24 -14.29 -12.23
CA GLY A 132 -16.92 -13.81 -11.95
C GLY A 132 -16.89 -12.29 -11.92
N ASN A 133 -15.86 -11.69 -12.48
CA ASN A 133 -15.75 -10.23 -12.52
C ASN A 133 -15.83 -9.65 -11.10
N ASP A 134 -15.09 -10.26 -10.18
CA ASP A 134 -15.08 -9.90 -8.77
C ASP A 134 -13.72 -9.32 -8.39
N PHE A 135 -13.72 -8.17 -7.72
CA PHE A 135 -12.48 -7.49 -7.41
C PHE A 135 -12.71 -6.50 -6.27
N ARG A 136 -11.60 -5.95 -5.76
CA ARG A 136 -11.62 -4.99 -4.66
C ARG A 136 -10.72 -3.82 -4.99
N ILE A 137 -11.10 -2.63 -4.53
CA ILE A 137 -10.28 -1.43 -4.59
C ILE A 137 -10.07 -0.92 -3.18
N LYS A 138 -8.81 -0.89 -2.74
CA LYS A 138 -8.50 -0.48 -1.38
C LYS A 138 -7.94 0.93 -1.27
N GLU A 139 -7.56 1.55 -2.38
CA GLU A 139 -6.99 2.90 -2.30
C GLU A 139 -7.09 3.59 -3.64
N LEU A 140 -7.45 4.88 -3.60
CA LEU A 140 -7.39 5.77 -4.74
C LEU A 140 -6.61 7.01 -4.32
N LYS A 141 -5.56 7.33 -5.06
CA LYS A 141 -4.66 8.42 -4.68
C LYS A 141 -4.39 9.27 -5.91
N ILE A 142 -4.48 10.58 -5.74
CA ILE A 142 -4.14 11.54 -6.78
C ILE A 142 -3.08 12.49 -6.22
N LYS A 143 -1.95 12.60 -6.92
CA LYS A 143 -0.86 13.46 -6.52
C LYS A 143 -0.49 14.39 -7.67
N GLY A 144 0.02 15.56 -7.32
CA GLY A 144 0.39 16.56 -8.30
C GLY A 144 1.37 17.60 -7.78
N PRO B 4 2.40 21.19 -3.37
CA PRO B 4 2.15 19.75 -3.58
C PRO B 4 0.74 19.31 -3.25
N PHE B 5 0.13 18.60 -4.18
CA PHE B 5 -1.25 18.15 -4.05
C PHE B 5 -1.28 16.66 -3.79
N GLU B 6 -2.13 16.25 -2.85
CA GLU B 6 -2.44 14.84 -2.66
C GLU B 6 -3.87 14.70 -2.16
N ASP B 7 -4.63 13.82 -2.80
CA ASP B 7 -5.94 13.39 -2.33
C ASP B 7 -5.87 11.87 -2.17
N LEU B 8 -5.96 11.40 -0.94
CA LEU B 8 -5.78 10.00 -0.61
C LEU B 8 -7.07 9.45 -0.02
N THR B 9 -7.57 8.36 -0.60
CA THR B 9 -8.72 7.63 -0.07
C THR B 9 -8.31 6.17 0.12
N ASN B 10 -8.24 5.72 1.37
CA ASN B 10 -8.01 4.32 1.67
C ASN B 10 -9.16 3.68 2.43
N PHE B 11 -10.24 4.43 2.69
CA PHE B 11 -11.46 3.94 3.30
C PHE B 11 -11.28 3.57 4.76
N GLU B 12 -10.18 4.02 5.38
CA GLU B 12 -10.03 3.88 6.82
C GLU B 12 -11.18 4.59 7.53
N ARG B 13 -11.71 3.95 8.57
CA ARG B 13 -12.87 4.47 9.29
C ARG B 13 -14.07 4.67 8.37
N ASP B 14 -14.10 3.90 7.28
CA ASP B 14 -15.23 3.89 6.35
C ASP B 14 -15.47 5.27 5.73
N ASN B 15 -14.41 6.06 5.58
CA ASN B 15 -14.51 7.37 4.94
C ASN B 15 -14.29 7.16 3.44
N TRP B 16 -15.35 7.31 2.66
CA TRP B 16 -15.24 7.21 1.21
C TRP B 16 -14.60 8.43 0.57
N ASN B 17 -14.44 9.53 1.31
CA ASN B 17 -13.75 10.72 0.83
C ASN B 17 -14.33 11.20 -0.51
N ASN B 18 -15.65 11.29 -0.57
CA ASN B 18 -16.41 11.82 -1.69
C ASN B 18 -16.34 10.95 -2.94
N TRP B 19 -15.85 9.73 -2.83
CA TRP B 19 -16.04 8.76 -3.91
C TRP B 19 -17.42 8.14 -3.79
N GLN B 20 -18.10 8.00 -4.94
CA GLN B 20 -19.45 7.48 -4.99
C GLN B 20 -19.53 6.35 -6.02
N ALA B 21 -20.47 5.43 -5.78
CA ALA B 21 -20.79 4.44 -6.79
C ALA B 21 -21.23 5.12 -8.07
N GLY B 22 -20.71 4.64 -9.20
CA GLY B 22 -21.13 5.11 -10.50
C GLY B 22 -22.34 4.33 -10.98
N PRO B 23 -22.85 4.68 -12.16
CA PRO B 23 -24.04 3.97 -12.69
C PRO B 23 -23.83 2.48 -12.86
N ALA B 24 -22.60 2.05 -13.14
CA ALA B 24 -22.28 0.63 -13.28
C ALA B 24 -21.68 0.04 -12.00
N GLY B 25 -21.67 0.79 -10.90
CA GLY B 25 -21.20 0.27 -9.64
C GLY B 25 -22.35 -0.19 -8.76
N HIS B 26 -22.72 -1.46 -8.85
CA HIS B 26 -23.92 -1.99 -8.22
C HIS B 26 -23.59 -2.63 -6.87
N ASP B 27 -24.36 -2.27 -5.84
CA ASP B 27 -24.32 -2.96 -4.55
C ASP B 27 -22.92 -2.94 -3.95
N LEU B 28 -22.30 -1.77 -3.94
CA LEU B 28 -20.96 -1.64 -3.40
C LEU B 28 -20.99 -1.60 -1.88
N TYR B 29 -19.92 -2.10 -1.27
CA TYR B 29 -19.78 -2.14 0.18
C TYR B 29 -18.30 -2.27 0.54
N LEU B 30 -17.98 -1.92 1.78
CA LEU B 30 -16.62 -2.02 2.29
C LEU B 30 -16.40 -3.36 2.99
N VAL B 31 -15.18 -3.89 2.84
CA VAL B 31 -14.77 -5.13 3.49
C VAL B 31 -13.37 -4.96 4.06
N ASP B 32 -13.06 -5.78 5.06
CA ASP B 32 -11.69 -5.87 5.58
C ASP B 32 -10.92 -6.85 4.68
N ALA B 33 -10.11 -6.33 3.78
CA ALA B 33 -9.23 -7.17 2.99
C ALA B 33 -7.96 -7.45 3.79
N SER B 34 -7.33 -8.59 3.49
CA SER B 34 -6.10 -8.96 4.18
C SER B 34 -4.90 -8.24 3.56
N THR B 35 -3.94 -7.91 4.42
CA THR B 35 -2.65 -7.38 3.97
C THR B 35 -1.57 -8.00 4.85
N ARG B 36 -0.62 -8.67 4.22
CA ARG B 36 0.34 -9.50 4.94
C ARG B 36 1.42 -8.64 5.60
N ALA B 37 1.79 -9.01 6.83
CA ALA B 37 2.73 -8.21 7.60
C ALA B 37 3.57 -9.11 8.50
N VAL B 38 4.79 -8.65 8.78
CA VAL B 38 5.61 -9.29 9.81
C VAL B 38 5.18 -8.77 11.16
N GLU B 39 4.91 -9.67 12.09
CA GLU B 39 4.51 -9.33 13.44
C GLU B 39 5.72 -9.40 14.35
N PHE B 40 5.91 -8.37 15.16
CA PHE B 40 6.96 -8.31 16.17
C PHE B 40 6.25 -8.34 17.52
N ILE B 41 6.11 -9.55 18.09
CA ILE B 41 5.44 -9.68 19.39
C ILE B 41 6.41 -9.56 20.55
N THR B 42 7.72 -9.50 20.28
CA THR B 42 8.76 -9.30 21.29
C THR B 42 8.48 -10.06 22.58
N ARG B 43 8.92 -11.30 22.65
CA ARG B 43 8.61 -12.21 23.76
C ARG B 43 9.47 -11.90 24.97
N PRO B 44 9.10 -12.44 26.14
CA PRO B 44 9.82 -12.12 27.37
C PRO B 44 11.27 -12.58 27.36
N ASN B 45 12.14 -11.77 27.99
CA ASN B 45 13.50 -12.15 28.33
C ASN B 45 14.38 -12.34 27.11
N LYS B 46 14.14 -11.54 26.07
CA LYS B 46 15.04 -11.37 24.96
C LYS B 46 15.24 -9.88 24.74
N ASN B 47 16.40 -9.50 24.22
CA ASN B 47 16.68 -8.10 23.94
C ASN B 47 16.22 -7.77 22.54
N HIS B 48 15.23 -6.88 22.44
CA HIS B 48 14.61 -6.55 21.16
C HIS B 48 15.10 -5.21 20.60
N ALA B 49 16.23 -4.71 21.08
CA ALA B 49 16.84 -3.49 20.58
C ALA B 49 18.03 -3.85 19.70
N GLY B 50 18.16 -3.15 18.57
CA GLY B 50 19.18 -3.43 17.58
C GLY B 50 18.58 -3.54 16.19
N GLU B 51 19.22 -4.28 15.31
CA GLU B 51 18.72 -4.48 13.95
C GLU B 51 17.76 -5.66 13.94
N ILE B 52 16.49 -5.39 13.63
CA ILE B 52 15.45 -6.42 13.74
C ILE B 52 15.07 -7.03 12.40
N LEU B 53 15.36 -6.38 11.29
CA LEU B 53 15.05 -6.88 9.96
C LEU B 53 16.08 -6.32 8.99
N LYS B 54 16.63 -7.16 8.12
CA LYS B 54 17.73 -6.76 7.25
C LYS B 54 17.59 -7.40 5.89
N LYS B 55 18.24 -6.80 4.90
CA LYS B 55 18.26 -7.32 3.54
C LYS B 55 19.50 -6.81 2.83
N THR B 56 20.14 -7.68 2.05
CA THR B 56 21.18 -7.29 1.11
C THR B 56 20.53 -6.98 -0.22
N LEU B 57 20.30 -5.70 -0.48
CA LEU B 57 19.59 -5.28 -1.70
C LEU B 57 20.55 -5.23 -2.88
N THR B 58 20.17 -5.93 -3.95
CA THR B 58 20.95 -6.06 -5.17
C THR B 58 20.40 -5.14 -6.26
N GLY B 59 21.06 -5.15 -7.41
CA GLY B 59 20.55 -4.50 -8.59
C GLY B 59 20.64 -2.99 -8.61
N LEU B 60 21.36 -2.40 -7.65
CA LEU B 60 21.51 -0.96 -7.63
C LEU B 60 22.63 -0.54 -8.58
N THR B 61 22.70 0.76 -8.84
CA THR B 61 23.78 1.34 -9.63
C THR B 61 24.51 2.35 -8.75
N ALA B 62 25.81 2.14 -8.59
CA ALA B 62 26.59 2.92 -7.63
C ALA B 62 26.47 4.41 -7.90
N GLY B 63 26.18 5.18 -6.84
CA GLY B 63 26.12 6.62 -6.91
C GLY B 63 24.72 7.21 -6.90
N TYR B 64 23.68 6.40 -7.12
CA TYR B 64 22.33 6.92 -7.21
C TYR B 64 21.68 6.99 -5.83
N GLU B 65 20.75 7.93 -5.68
CA GLU B 65 20.05 8.15 -4.44
C GLU B 65 18.75 7.35 -4.44
N TYR B 66 18.62 6.41 -3.52
CA TYR B 66 17.43 5.59 -3.37
C TYR B 66 16.71 6.00 -2.10
N THR B 67 15.38 5.96 -2.15
CA THR B 67 14.53 6.30 -1.03
C THR B 67 13.88 5.03 -0.52
N TRP B 68 14.05 4.75 0.77
CA TRP B 68 13.54 3.54 1.40
C TRP B 68 12.34 3.89 2.27
N THR B 69 11.23 3.20 2.02
CA THR B 69 9.98 3.38 2.75
C THR B 69 9.63 2.09 3.48
N VAL B 70 9.00 2.23 4.65
CA VAL B 70 8.57 1.09 5.46
C VAL B 70 7.26 1.47 6.15
N LYS B 71 6.20 0.72 5.87
CA LYS B 71 4.91 0.93 6.51
C LYS B 71 4.83 0.07 7.77
N ILE B 72 4.61 0.71 8.91
CA ILE B 72 4.72 0.07 10.22
C ILE B 72 3.65 0.63 11.14
N ALA B 73 3.27 -0.17 12.13
CA ALA B 73 2.24 0.24 13.09
C ALA B 73 2.44 -0.48 14.42
N ARG B 74 2.29 0.27 15.51
CA ARG B 74 2.13 -0.36 16.81
C ARG B 74 0.79 -1.11 16.84
N ILE B 75 0.77 -2.21 17.58
CA ILE B 75 -0.45 -2.94 17.83
C ILE B 75 -0.64 -3.07 19.35
N ILE B 76 -1.87 -3.43 19.74
CA ILE B 76 -2.22 -3.68 21.13
C ILE B 76 -2.18 -2.38 21.93
N GLY B 77 -1.02 -1.74 21.98
CA GLY B 77 -0.91 -0.44 22.59
C GLY B 77 -0.73 -0.43 24.09
N LYS B 78 -0.32 -1.55 24.68
CA LYS B 78 -0.14 -1.66 26.12
C LYS B 78 1.33 -1.66 26.46
N TYR B 79 1.68 -1.05 27.60
CA TYR B 79 3.04 -1.04 28.10
C TYR B 79 3.97 -0.24 27.19
N GLU B 80 5.14 -0.78 26.87
CA GLU B 80 6.17 0.02 26.21
C GLU B 80 5.81 0.30 24.75
N ALA B 81 6.09 1.52 24.31
CA ALA B 81 5.83 1.85 22.92
C ALA B 81 7.07 1.55 22.07
N PRO B 82 6.93 0.98 20.88
CA PRO B 82 8.10 0.75 20.04
C PRO B 82 8.76 2.07 19.64
N LYS B 83 10.02 1.97 19.22
CA LYS B 83 10.74 3.10 18.64
C LYS B 83 11.68 2.53 17.58
N VAL B 84 11.57 3.02 16.35
CA VAL B 84 12.23 2.40 15.21
C VAL B 84 12.85 3.48 14.32
N SER B 85 13.80 3.05 13.50
CA SER B 85 14.46 3.91 12.52
C SER B 85 15.05 3.03 11.42
N LEU B 86 15.62 3.67 10.40
CA LEU B 86 16.19 2.99 9.26
C LEU B 86 17.70 3.21 9.20
N ARG B 87 18.40 2.19 8.71
CA ARG B 87 19.86 2.20 8.62
C ARG B 87 20.29 1.57 7.31
N ALA B 88 21.31 2.14 6.68
CA ALA B 88 21.81 1.67 5.40
C ALA B 88 23.33 1.77 5.38
N ASP B 89 23.98 0.67 5.01
CA ASP B 89 25.44 0.59 4.98
C ASP B 89 26.04 1.07 6.31
N GLY B 90 25.37 0.72 7.41
CA GLY B 90 25.82 1.07 8.73
C GLY B 90 25.57 2.51 9.14
N LYS B 91 24.89 3.29 8.31
CA LYS B 91 24.63 4.70 8.59
C LYS B 91 23.16 4.92 8.89
N ASP B 92 22.87 5.72 9.90
CA ASP B 92 21.50 6.06 10.27
C ASP B 92 20.95 7.06 9.27
N ILE B 93 19.93 6.65 8.50
CA ILE B 93 19.34 7.48 7.46
C ILE B 93 17.95 7.98 7.85
N SER B 94 17.49 7.69 9.06
CA SER B 94 16.20 8.19 9.51
C SER B 94 16.26 8.42 11.01
N ALA B 95 15.39 9.31 11.50
CA ALA B 95 15.37 9.61 12.92
C ALA B 95 14.50 8.61 13.67
N PRO B 96 14.89 8.19 14.87
CA PRO B 96 14.03 7.29 15.65
C PRO B 96 12.65 7.91 15.86
N LEU B 97 11.62 7.10 15.60
CA LEU B 97 10.23 7.52 15.73
C LEU B 97 9.50 6.59 16.68
N GLU B 98 8.81 7.17 17.65
CA GLU B 98 8.06 6.41 18.64
C GLU B 98 6.66 6.13 18.10
N LEU B 99 6.31 4.86 18.00
CA LEU B 99 4.98 4.44 17.55
C LEU B 99 4.10 4.27 18.78
N LYS B 100 3.38 5.32 19.14
CA LYS B 100 2.56 5.27 20.35
C LYS B 100 1.12 4.87 20.08
N GLN B 101 0.57 5.23 18.91
CA GLN B 101 -0.83 4.97 18.61
C GLN B 101 -0.99 3.58 18.00
N ALA B 102 -1.72 2.71 18.70
CA ALA B 102 -1.97 1.38 18.18
C ALA B 102 -2.80 1.46 16.90
N ASN B 103 -2.51 0.55 15.96
CA ASN B 103 -3.23 0.43 14.69
C ASN B 103 -3.12 1.69 13.83
N GLU B 104 -2.21 2.60 14.14
CA GLU B 104 -1.94 3.76 13.30
C GLU B 104 -0.75 3.44 12.41
N TRP B 105 -1.01 3.26 11.11
CA TRP B 105 0.05 2.95 10.18
C TRP B 105 0.81 4.22 9.79
N VAL B 106 2.13 4.19 9.96
CA VAL B 106 3.00 5.30 9.65
C VAL B 106 4.05 4.80 8.66
N THR B 107 4.69 5.74 7.98
CA THR B 107 5.66 5.43 6.93
C THR B 107 7.02 6.01 7.32
N LEU B 108 7.94 5.14 7.71
CA LEU B 108 9.33 5.55 7.88
C LEU B 108 9.95 5.79 6.51
N SER B 109 10.73 6.85 6.38
CA SER B 109 11.32 7.20 5.09
C SER B 109 12.74 7.71 5.28
N GLY B 110 13.64 7.24 4.44
CA GLY B 110 15.01 7.70 4.45
C GLY B 110 15.63 7.55 3.08
N LYS B 111 16.67 8.34 2.83
CA LYS B 111 17.40 8.32 1.57
C LYS B 111 18.84 7.90 1.82
N PHE B 112 19.39 7.16 0.86
CA PHE B 112 20.79 6.77 0.90
C PHE B 112 21.29 6.68 -0.53
N LYS B 113 22.59 6.85 -0.71
CA LYS B 113 23.21 6.70 -2.01
C LYS B 113 24.08 5.45 -2.05
N ALA B 114 23.94 4.68 -3.12
CA ALA B 114 24.57 3.36 -3.20
C ALA B 114 26.08 3.48 -3.34
N THR B 115 26.78 2.51 -2.76
CA THR B 115 28.23 2.43 -2.82
C THR B 115 28.72 1.29 -3.70
N GLY B 116 27.84 0.69 -4.49
CA GLY B 116 28.24 -0.41 -5.35
C GLY B 116 27.05 -1.14 -5.92
N SER B 117 27.26 -2.42 -6.20
CA SER B 117 26.21 -3.25 -6.79
C SER B 117 25.08 -3.56 -5.80
N GLN B 118 25.33 -3.39 -4.50
CA GLN B 118 24.36 -3.79 -3.49
C GLN B 118 24.51 -2.90 -2.27
N ALA B 119 23.48 -2.90 -1.42
CA ALA B 119 23.45 -2.13 -0.21
C ALA B 119 22.92 -2.99 0.93
N GLU B 120 23.40 -2.72 2.14
CA GLU B 120 23.00 -3.45 3.35
C GLU B 120 21.99 -2.60 4.12
N LEU B 121 20.74 -3.06 4.17
CA LEU B 121 19.67 -2.32 4.80
C LEU B 121 19.20 -3.02 6.07
N ALA B 122 18.82 -2.23 7.08
CA ALA B 122 18.39 -2.78 8.35
C ALA B 122 17.38 -1.85 9.00
N VAL B 123 16.26 -2.43 9.43
CA VAL B 123 15.31 -1.72 10.30
C VAL B 123 15.81 -1.87 11.74
N VAL B 124 15.77 -0.78 12.51
CA VAL B 124 16.40 -0.72 13.81
C VAL B 124 15.35 -0.46 14.88
N SER B 125 15.39 -1.24 15.96
CA SER B 125 14.58 -1.00 17.15
C SER B 125 15.44 -0.38 18.24
N HIS B 126 14.86 0.59 18.95
CA HIS B 126 15.52 1.28 20.04
C HIS B 126 14.93 0.94 21.40
N VAL B 127 14.08 -0.09 21.46
CA VAL B 127 13.41 -0.50 22.68
C VAL B 127 13.68 -1.99 22.83
N SER B 128 14.40 -2.35 23.90
CA SER B 128 14.74 -3.75 24.13
C SER B 128 13.62 -4.51 24.83
N ALA B 129 12.66 -3.80 25.42
CA ALA B 129 11.70 -4.44 26.32
C ALA B 129 10.83 -5.44 25.57
N SER B 130 10.32 -6.41 26.34
CA SER B 130 9.31 -7.34 25.88
C SER B 130 7.91 -6.96 26.34
N MET B 131 7.80 -6.32 27.51
CA MET B 131 6.54 -5.79 28.01
C MET B 131 6.03 -4.72 27.05
N GLY B 132 5.09 -5.10 26.18
CA GLY B 132 4.68 -4.23 25.10
C GLY B 132 5.64 -4.34 23.94
N ASN B 133 5.96 -3.20 23.32
CA ASN B 133 6.90 -3.17 22.20
C ASN B 133 6.44 -4.12 21.09
N ASP B 134 5.15 -4.05 20.77
CA ASP B 134 4.52 -4.92 19.80
C ASP B 134 4.08 -4.11 18.58
N PHE B 135 4.40 -4.60 17.39
CA PHE B 135 4.12 -3.84 16.18
C PHE B 135 4.16 -4.78 14.97
N ARG B 136 3.70 -4.25 13.84
CA ARG B 136 3.69 -4.98 12.58
C ARG B 136 4.28 -4.12 11.48
N ILE B 137 4.98 -4.77 10.55
CA ILE B 137 5.49 -4.14 9.33
C ILE B 137 4.83 -4.85 8.16
N LYS B 138 4.09 -4.09 7.35
CA LYS B 138 3.35 -4.69 6.24
C LYS B 138 3.98 -4.42 4.88
N GLU B 139 4.99 -3.56 4.80
CA GLU B 139 5.56 -3.22 3.51
C GLU B 139 6.89 -2.51 3.68
N LEU B 140 7.86 -2.91 2.84
CA LEU B 140 9.13 -2.20 2.70
C LEU B 140 9.36 -1.96 1.22
N LYS B 141 9.77 -0.74 0.87
CA LYS B 141 9.91 -0.36 -0.53
C LYS B 141 11.13 0.51 -0.70
N ILE B 142 11.90 0.24 -1.75
CA ILE B 142 13.07 1.01 -2.12
C ILE B 142 12.94 1.40 -3.59
N LYS B 143 13.11 2.69 -3.87
CA LYS B 143 13.07 3.17 -5.25
C LYS B 143 13.94 4.42 -5.37
C1 SFU C . -21.39 -16.22 -9.84
C2 SFU C . -21.75 -14.77 -9.51
C3 SFU C . -21.00 -14.23 -8.27
C4 SFU C . -19.51 -14.47 -8.47
C5 SFU C . -19.30 -15.97 -8.66
C6 SFU C . -17.82 -16.25 -8.87
O2 SFU C . -23.14 -14.69 -9.30
O3 SFU C . -21.19 -12.82 -8.21
O4 SFU C . -19.03 -13.82 -9.62
O5 SFU C . -19.99 -16.46 -9.83
CM SFU C . -21.56 -19.12 -9.06
SE SFU C . -22.28 -17.44 -8.52
H1 SFU C . -21.71 -16.46 -10.72
H2 SFU C . -21.47 -14.22 -10.27
H3 SFU C . -21.34 -14.66 -7.47
HO2 SFU C . -23.49 -14.34 -10.00
H4 SFU C . -19.03 -14.15 -7.69
HO3 SFU C . -21.52 -12.65 -7.44
H5 SFU C . -19.64 -16.45 -7.89
HO4 SFU C . -18.60 -13.13 -9.36
H61 SFU C . -17.29 -15.77 -8.22
H62 SFU C . -17.55 -15.95 -9.76
H63 SFU C . -17.64 -17.19 -8.80
HM1 SFU C . -21.90 -19.74 -8.38
HM2 SFU C . -21.92 -19.24 -9.95
HM3 SFU C . -20.59 -18.97 -9.03
CA CA D . -19.75 -11.50 -9.73
C1 SFU E . 3.49 -8.85 27.79
C2 SFU E . 4.47 -9.39 26.76
C3 SFU E . 3.78 -9.65 25.41
C4 SFU E . 2.99 -8.40 24.98
C5 SFU E . 2.04 -8.00 26.10
C6 SFU E . 1.34 -6.69 25.75
O2 SFU E . 5.02 -10.60 27.24
O3 SFU E . 4.77 -9.86 24.41
O4 SFU E . 3.85 -7.30 24.76
O5 SFU E . 2.75 -7.75 27.32
CM SFU E . 1.01 -9.36 29.46
SE SFU E . 2.26 -10.37 28.42
H1 SFU E . 3.96 -8.55 28.60
H2 SFU E . 5.16 -8.72 26.60
H3 SFU E . 3.18 -10.41 25.50
HO2 SFU E . 5.77 -10.41 27.59
H4 SFU E . 2.49 -8.61 24.18
HO3 SFU E . 4.64 -10.64 24.10
H5 SFU E . 1.39 -8.71 26.25
HO4 SFU E . 4.19 -7.42 23.99
H61 SFU E . 1.02 -6.71 24.83
H62 SFU E . 0.58 -6.53 26.33
H63 SFU E . 1.95 -5.93 25.83
HM1 SFU E . 0.34 -10.02 29.69
HM2 SFU E . 1.55 -9.04 30.19
HM3 SFU E . 0.71 -8.68 28.83
P PO4 F . -2.04 -1.60 2.28
O1 PO4 F . -2.35 -3.07 2.16
O2 PO4 F . -2.84 -0.99 3.39
O3 PO4 F . -2.37 -0.89 0.98
O4 PO4 F . -0.56 -1.44 2.55
CA CA G . 6.00 -7.93 23.48
#